data_3S0T
#
_entry.id   3S0T
#
_cell.length_a   29.50
_cell.length_b   34.15
_cell.length_c   64.23
_cell.angle_alpha   95.75
_cell.angle_beta   97.38
_cell.angle_gamma   94.00
#
_symmetry.space_group_name_H-M   'P 1'
#
loop_
_entity.id
_entity.type
_entity.pdbx_description
1 polymer 'CFA/III pilin'
2 non-polymer GLYCEROL
3 non-polymer 'SODIUM ION'
4 water water
#
_entity_poly.entity_id   1
_entity_poly.type   'polypeptide(L)'
_entity_poly.pdbx_seq_one_letter_code
;GSHMDSRTVSELVTNTNTIRVAMKDAYQRDGKYPDYQAPLSLTADSIKTDSTGIAVAQLVQLGKLTPDEARNGISGDYIG
IGGAITSSGSTINKGFAMELNGLSQEQCRSILGQVGDNWEYVAVGTSPSGSYDALSAGAVNMLAATDNTTILRSLAANGQ
VSLTAEKILKTCTATVNSITLASR
;
_entity_poly.pdbx_strand_id   A,B
#
loop_
_chem_comp.id
_chem_comp.type
_chem_comp.name
_chem_comp.formula
GOL non-polymer GLYCEROL 'C3 H8 O3'
NA non-polymer 'SODIUM ION' 'Na 1'
#
# COMPACT_ATOMS: atom_id res chain seq x y z
N ASP A 5 -20.56 8.65 -18.68
CA ASP A 5 -20.38 7.24 -18.33
C ASP A 5 -20.05 7.03 -16.88
N SER A 6 -21.10 6.65 -16.20
CA SER A 6 -21.04 6.68 -14.77
C SER A 6 -20.10 5.59 -14.26
N ARG A 7 -20.06 4.40 -14.89
CA ARG A 7 -19.17 3.28 -14.43
C ARG A 7 -17.70 3.75 -14.40
N THR A 8 -17.27 4.44 -15.46
CA THR A 8 -15.92 4.96 -15.61
C THR A 8 -15.61 6.02 -14.57
N VAL A 9 -16.54 6.91 -14.34
CA VAL A 9 -16.40 7.93 -13.27
C VAL A 9 -16.29 7.25 -11.89
N SER A 10 -17.17 6.30 -11.64
CA SER A 10 -17.17 5.57 -10.38
C SER A 10 -15.84 4.87 -10.14
N GLU A 11 -15.31 4.24 -11.20
CA GLU A 11 -14.02 3.55 -11.12
C GLU A 11 -12.91 4.53 -10.79
N LEU A 12 -12.92 5.69 -11.43
CA LEU A 12 -11.91 6.70 -11.21
C LEU A 12 -11.99 7.24 -9.79
N VAL A 13 -13.20 7.45 -9.30
CA VAL A 13 -13.41 7.94 -7.95
C VAL A 13 -12.86 6.95 -6.92
N THR A 14 -13.21 5.69 -7.09
CA THR A 14 -12.76 4.65 -6.18
C THR A 14 -11.26 4.53 -6.23
N ASN A 15 -10.67 4.62 -7.42
CA ASN A 15 -9.26 4.50 -7.61
C ASN A 15 -8.50 5.63 -6.95
N THR A 16 -9.07 6.83 -6.98
CA THR A 16 -8.46 7.99 -6.35
C THR A 16 -8.11 7.71 -4.91
N ASN A 17 -9.01 7.07 -4.19
CA ASN A 17 -8.78 6.72 -2.79
C ASN A 17 -7.65 5.71 -2.64
N THR A 18 -7.62 4.72 -3.52
CA THR A 18 -6.59 3.69 -3.49
C THR A 18 -5.21 4.30 -3.74
N ILE A 19 -5.14 5.25 -4.67
CA ILE A 19 -3.88 5.92 -5.00
C ILE A 19 -3.39 6.75 -3.82
N ARG A 20 -4.31 7.46 -3.17
CA ARG A 20 -3.96 8.30 -2.01
C ARG A 20 -3.29 7.45 -0.92
N VAL A 21 -3.91 6.34 -0.57
CA VAL A 21 -3.35 5.47 0.43
C VAL A 21 -2.04 4.81 -0.04
N ALA A 22 -1.98 4.36 -1.30
CA ALA A 22 -0.80 3.79 -1.87
C ALA A 22 0.40 4.71 -1.74
N MET A 23 0.22 5.96 -2.13
CA MET A 23 1.31 6.95 -2.03
C MET A 23 1.76 7.18 -0.62
N LYS A 24 0.80 7.35 0.31
CA LYS A 24 1.20 7.56 1.70
C LYS A 24 1.95 6.37 2.22
N ASP A 25 1.46 5.17 1.94
CA ASP A 25 2.14 3.97 2.43
C ASP A 25 3.50 3.76 1.82
N ALA A 26 3.60 3.91 0.50
CA ALA A 26 4.90 3.63 -0.19
C ALA A 26 6.03 4.56 0.27
N TYR A 27 5.69 5.85 0.47
CA TYR A 27 6.72 6.86 0.68
C TYR A 27 6.79 7.44 2.10
N GLN A 28 6.09 6.81 3.04
CA GLN A 28 6.18 7.17 4.47
C GLN A 28 7.61 6.99 5.01
N ARG A 29 8.32 5.91 4.63
CA ARG A 29 9.63 5.65 5.24
C ARG A 29 10.61 6.75 4.85
N ASP A 30 10.53 7.20 3.58
CA ASP A 30 11.37 8.27 3.05
C ASP A 30 11.09 9.65 3.64
N GLY A 31 9.86 9.94 4.01
CA GLY A 31 9.50 11.27 4.48
C GLY A 31 9.28 12.35 3.42
N LYS A 32 9.39 11.97 2.15
CA LYS A 32 9.15 12.85 1.04
C LYS A 32 8.77 11.99 -0.16
N TYR A 33 8.20 12.65 -1.16
CA TYR A 33 7.54 11.99 -2.30
C TYR A 33 8.31 12.17 -3.57
N PRO A 34 8.11 11.29 -4.58
CA PRO A 34 8.93 11.43 -5.85
C PRO A 34 8.59 12.61 -6.71
N ASP A 35 9.58 13.12 -7.45
CA ASP A 35 9.28 14.12 -8.44
C ASP A 35 8.37 13.54 -9.54
N TYR A 36 7.66 14.44 -10.18
CA TYR A 36 6.94 14.10 -11.41
C TYR A 36 7.84 13.56 -12.49
N GLN A 37 7.51 12.35 -12.94
N GLN A 37 7.50 12.36 -12.94
CA GLN A 37 8.01 11.84 -14.22
CA GLN A 37 8.00 11.88 -14.24
C GLN A 37 6.76 11.54 -15.04
C GLN A 37 6.76 11.56 -15.04
N ALA A 38 6.67 12.10 -16.25
CA ALA A 38 5.43 11.99 -17.02
C ALA A 38 5.06 10.53 -17.28
N PRO A 39 3.76 10.18 -17.16
CA PRO A 39 3.31 8.80 -17.42
C PRO A 39 2.79 8.66 -18.85
N LEU A 40 3.00 9.69 -19.68
CA LEU A 40 2.34 9.76 -20.98
C LEU A 40 2.99 8.83 -22.00
N SER A 41 4.21 8.39 -21.73
CA SER A 41 4.86 7.33 -22.56
C SER A 41 4.43 5.91 -22.21
N LEU A 42 3.78 5.73 -21.07
CA LEU A 42 3.38 4.34 -20.61
C LEU A 42 2.27 3.68 -21.44
N THR A 43 2.34 2.34 -21.56
CA THR A 43 1.34 1.55 -22.25
C THR A 43 0.86 0.50 -21.23
N ALA A 44 -0.12 -0.31 -21.61
CA ALA A 44 -0.60 -1.35 -20.79
C ALA A 44 0.51 -2.38 -20.61
N ASP A 45 1.57 -2.37 -21.43
CA ASP A 45 2.73 -3.22 -21.15
C ASP A 45 3.71 -2.56 -20.15
N SER A 46 4.12 -1.34 -20.47
CA SER A 46 5.25 -0.78 -19.73
C SER A 46 4.83 -0.17 -18.38
N ILE A 47 3.54 -0.03 -18.07
CA ILE A 47 3.12 0.31 -16.69
C ILE A 47 3.74 -0.72 -15.72
N LYS A 48 3.95 -1.97 -16.17
CA LYS A 48 4.49 -3.03 -15.29
C LYS A 48 6.01 -3.06 -15.22
N THR A 49 6.70 -2.38 -16.12
CA THR A 49 8.17 -2.49 -16.25
C THR A 49 8.99 -1.20 -16.27
N ASP A 50 8.33 -0.07 -16.39
CA ASP A 50 9.09 1.19 -16.68
C ASP A 50 10.04 1.51 -15.53
N SER A 51 11.26 1.99 -15.83
CA SER A 51 12.27 2.26 -14.78
C SER A 51 12.64 3.73 -14.66
N THR A 52 11.84 4.63 -15.22
CA THR A 52 12.21 6.06 -15.20
C THR A 52 11.76 6.84 -13.97
N GLY A 53 11.04 6.20 -13.06
CA GLY A 53 10.66 6.86 -11.80
C GLY A 53 9.26 7.45 -11.89
N ILE A 54 8.39 6.88 -12.74
CA ILE A 54 6.99 7.36 -12.79
C ILE A 54 6.22 6.77 -11.62
N ALA A 55 5.64 7.64 -10.78
CA ALA A 55 5.06 7.15 -9.54
C ALA A 55 4.08 6.04 -9.71
N VAL A 56 3.13 6.17 -10.60
CA VAL A 56 2.12 5.16 -10.74
C VAL A 56 2.73 3.79 -11.14
N ALA A 57 3.75 3.80 -12.02
CA ALA A 57 4.48 2.59 -12.35
C ALA A 57 5.17 1.98 -11.13
N GLN A 58 5.75 2.81 -10.25
CA GLN A 58 6.32 2.32 -9.02
C GLN A 58 5.29 1.66 -8.13
N LEU A 59 4.11 2.28 -7.97
CA LEU A 59 3.05 1.73 -7.09
C LEU A 59 2.58 0.40 -7.64
N VAL A 60 2.48 0.28 -8.98
CA VAL A 60 2.12 -1.02 -9.59
C VAL A 60 3.18 -2.07 -9.28
N GLN A 61 4.46 -1.71 -9.43
CA GLN A 61 5.61 -2.62 -9.22
C GLN A 61 5.64 -3.05 -7.74
N LEU A 62 5.26 -2.20 -6.79
CA LEU A 62 5.14 -2.49 -5.33
C LEU A 62 3.88 -3.27 -4.94
N GLY A 63 2.95 -3.47 -5.88
CA GLY A 63 1.74 -4.17 -5.52
C GLY A 63 0.69 -3.30 -4.82
N LYS A 64 0.94 -1.97 -4.78
CA LYS A 64 0.02 -1.10 -4.15
C LYS A 64 -1.17 -0.72 -5.03
N LEU A 65 -0.93 -0.82 -6.35
CA LEU A 65 -1.97 -0.60 -7.34
C LEU A 65 -1.91 -1.70 -8.34
N THR A 66 -3.04 -2.05 -8.90
CA THR A 66 -3.08 -2.88 -10.09
C THR A 66 -2.79 -1.99 -11.30
N PRO A 67 -2.42 -2.60 -12.44
CA PRO A 67 -2.20 -1.78 -13.66
C PRO A 67 -3.42 -0.92 -14.01
N ASP A 68 -4.65 -1.43 -13.89
CA ASP A 68 -5.84 -0.63 -14.22
C ASP A 68 -6.22 0.45 -13.20
N GLU A 69 -5.83 0.26 -11.95
CA GLU A 69 -6.03 1.30 -10.95
C GLU A 69 -5.17 2.53 -11.22
N ALA A 70 -4.10 2.36 -12.01
CA ALA A 70 -3.15 3.43 -12.39
C ALA A 70 -3.68 4.25 -13.54
N ARG A 71 -4.79 3.81 -14.17
CA ARG A 71 -5.24 4.40 -15.45
C ARG A 71 -6.50 5.28 -15.30
N ASN A 72 -6.52 6.43 -15.94
CA ASN A 72 -7.71 7.26 -16.03
C ASN A 72 -8.53 6.80 -17.20
N GLY A 73 -9.68 6.15 -16.96
CA GLY A 73 -10.49 5.59 -18.07
C GLY A 73 -11.26 6.59 -18.88
N ILE A 74 -11.30 7.85 -18.43
CA ILE A 74 -11.98 8.91 -19.17
C ILE A 74 -10.98 9.45 -20.20
N SER A 75 -9.77 9.80 -19.79
CA SER A 75 -8.75 10.35 -20.70
C SER A 75 -7.99 9.30 -21.47
N GLY A 76 -7.94 8.07 -20.94
CA GLY A 76 -7.15 6.99 -21.50
C GLY A 76 -5.70 7.07 -21.15
N ASP A 77 -5.28 8.03 -20.32
CA ASP A 77 -3.90 8.16 -19.88
C ASP A 77 -3.68 7.47 -18.56
N TYR A 78 -2.49 6.97 -18.31
CA TYR A 78 -2.07 6.61 -16.94
C TYR A 78 -2.03 7.88 -16.15
N ILE A 79 -2.37 7.81 -14.85
CA ILE A 79 -2.58 8.98 -14.00
C ILE A 79 -1.24 9.64 -13.65
N GLY A 80 -1.19 10.95 -13.81
CA GLY A 80 -0.03 11.77 -13.40
C GLY A 80 0.05 12.02 -11.91
N ILE A 81 1.24 11.79 -11.35
CA ILE A 81 1.48 11.99 -9.92
C ILE A 81 2.85 12.68 -9.81
N GLY A 82 2.90 13.78 -9.08
CA GLY A 82 4.13 14.48 -8.87
C GLY A 82 4.30 14.98 -7.45
N GLY A 83 5.32 15.78 -7.24
CA GLY A 83 5.58 16.29 -5.89
C GLY A 83 4.74 17.52 -5.60
N ALA A 84 4.65 17.85 -4.30
CA ALA A 84 3.95 19.06 -3.84
C ALA A 84 4.81 19.64 -2.68
N ILE A 85 4.81 20.97 -2.56
CA ILE A 85 5.50 21.63 -1.46
C ILE A 85 4.51 22.09 -0.40
N THR A 86 4.97 22.10 0.86
CA THR A 86 4.13 22.41 1.98
C THR A 86 4.59 23.65 2.71
N SER A 87 5.59 24.35 2.16
CA SER A 87 5.97 25.65 2.70
C SER A 87 6.47 26.46 1.51
N SER A 88 6.39 27.76 1.68
CA SER A 88 6.68 28.68 0.62
C SER A 88 8.10 28.64 0.03
N GLY A 89 9.08 28.50 0.84
CA GLY A 89 10.39 28.54 0.09
C GLY A 89 11.03 27.19 -0.16
N SER A 90 10.25 26.13 -0.03
CA SER A 90 10.81 24.78 0.03
C SER A 90 11.08 24.21 -1.35
N THR A 91 12.10 23.34 -1.44
CA THR A 91 12.45 22.55 -2.62
C THR A 91 12.13 21.07 -2.40
N ILE A 92 11.58 20.73 -1.24
CA ILE A 92 11.38 19.32 -0.88
C ILE A 92 9.93 18.93 -1.18
N ASN A 93 9.72 17.75 -1.79
CA ASN A 93 8.34 17.28 -1.98
C ASN A 93 7.77 16.65 -0.69
N LYS A 94 7.38 17.49 0.27
CA LYS A 94 6.73 17.00 1.49
C LYS A 94 5.30 16.55 1.26
N GLY A 95 4.71 16.88 0.11
CA GLY A 95 3.42 16.36 -0.31
C GLY A 95 3.51 15.70 -1.68
N PHE A 96 2.37 15.15 -2.10
CA PHE A 96 2.23 14.66 -3.47
C PHE A 96 0.96 15.15 -4.08
N ALA A 97 0.93 15.18 -5.41
CA ALA A 97 -0.26 15.65 -6.13
C ALA A 97 -0.55 14.69 -7.26
N MET A 98 -1.84 14.43 -7.51
CA MET A 98 -2.24 13.63 -8.67
C MET A 98 -3.15 14.53 -9.51
N GLU A 99 -3.13 14.27 -10.80
CA GLU A 99 -3.99 15.06 -11.70
C GLU A 99 -4.87 14.13 -12.54
N LEU A 100 -6.15 14.47 -12.61
CA LEU A 100 -7.15 13.78 -13.39
C LEU A 100 -7.52 14.66 -14.57
N ASN A 101 -7.05 14.28 -15.77
CA ASN A 101 -7.16 15.08 -16.97
C ASN A 101 -8.36 14.69 -17.86
N GLY A 102 -8.63 15.52 -18.84
CA GLY A 102 -9.60 15.16 -19.93
C GLY A 102 -11.04 15.08 -19.53
N LEU A 103 -11.46 15.87 -18.59
CA LEU A 103 -12.82 15.72 -18.03
C LEU A 103 -13.82 16.69 -18.59
N SER A 104 -15.04 16.20 -18.95
CA SER A 104 -16.06 17.12 -19.36
C SER A 104 -16.53 17.91 -18.09
N GLN A 105 -17.32 18.96 -18.28
CA GLN A 105 -17.88 19.70 -17.15
C GLN A 105 -18.64 18.76 -16.23
N GLU A 106 -19.50 17.90 -16.79
CA GLU A 106 -20.29 17.04 -15.94
C GLU A 106 -19.41 16.02 -15.20
N GLN A 107 -18.42 15.44 -15.87
CA GLN A 107 -17.51 14.46 -15.21
C GLN A 107 -16.74 15.16 -14.09
N CYS A 108 -16.21 16.35 -14.39
CA CYS A 108 -15.47 17.11 -13.39
C CYS A 108 -16.31 17.40 -12.12
N ARG A 109 -17.56 17.83 -12.33
CA ARG A 109 -18.42 18.14 -11.21
C ARG A 109 -18.78 16.92 -10.38
N SER A 110 -19.04 15.80 -11.05
CA SER A 110 -19.35 14.56 -10.36
C SER A 110 -18.17 14.13 -9.50
N ILE A 111 -16.99 14.09 -10.07
CA ILE A 111 -15.79 13.64 -9.36
C ILE A 111 -15.53 14.55 -8.15
N LEU A 112 -15.59 15.86 -8.38
CA LEU A 112 -15.30 16.84 -7.31
C LEU A 112 -16.27 16.58 -6.13
N GLY A 113 -17.55 16.32 -6.43
CA GLY A 113 -18.51 16.18 -5.38
C GLY A 113 -18.22 14.88 -4.63
N GLN A 114 -17.59 13.91 -5.25
CA GLN A 114 -17.36 12.60 -4.61
C GLN A 114 -16.01 12.53 -3.94
N VAL A 115 -15.01 13.33 -4.27
CA VAL A 115 -13.65 13.17 -3.69
C VAL A 115 -13.17 14.43 -3.03
N GLY A 116 -13.72 15.59 -3.34
CA GLY A 116 -13.01 16.84 -3.05
C GLY A 116 -12.73 17.05 -1.55
N ASP A 117 -13.68 16.65 -0.70
CA ASP A 117 -13.54 16.82 0.72
C ASP A 117 -12.44 15.92 1.32
N ASN A 118 -12.01 14.87 0.64
CA ASN A 118 -11.04 13.89 1.17
C ASN A 118 -9.60 14.45 1.07
N TRP A 119 -9.39 15.61 0.44
CA TRP A 119 -8.02 16.13 0.17
C TRP A 119 -7.80 17.49 0.80
N GLU A 120 -6.53 17.78 1.17
CA GLU A 120 -6.15 19.09 1.68
C GLU A 120 -6.02 20.16 0.64
N TYR A 121 -5.76 19.74 -0.59
CA TYR A 121 -5.57 20.67 -1.73
C TYR A 121 -6.40 20.15 -2.87
N VAL A 122 -7.21 21.03 -3.46
CA VAL A 122 -8.03 20.69 -4.60
C VAL A 122 -8.01 21.89 -5.55
N ALA A 123 -7.64 21.64 -6.81
CA ALA A 123 -7.60 22.69 -7.83
C ALA A 123 -8.24 22.16 -9.10
N VAL A 124 -8.81 23.04 -9.88
CA VAL A 124 -9.41 22.72 -11.18
C VAL A 124 -8.65 23.42 -12.25
N GLY A 125 -8.20 22.72 -13.29
CA GLY A 125 -7.53 23.26 -14.46
C GLY A 125 -8.23 22.87 -15.76
N THR A 126 -7.48 22.95 -16.83
CA THR A 126 -8.00 22.64 -18.15
C THR A 126 -7.11 21.66 -18.86
N SER A 127 -6.44 20.75 -18.14
CA SER A 127 -5.53 19.85 -18.80
C SER A 127 -6.29 18.81 -19.63
N PRO A 128 -5.99 18.74 -20.96
CA PRO A 128 -6.69 17.81 -21.83
C PRO A 128 -6.11 16.39 -21.75
N SER A 129 -6.87 15.40 -22.23
CA SER A 129 -6.33 14.12 -22.44
C SER A 129 -5.04 14.27 -23.26
N GLY A 130 -4.01 13.56 -22.81
CA GLY A 130 -2.69 13.67 -23.41
C GLY A 130 -1.73 14.65 -22.73
N SER A 131 -2.23 15.38 -21.72
CA SER A 131 -1.39 16.39 -21.06
C SER A 131 -1.59 16.39 -19.55
N TYR A 132 -0.53 16.77 -18.82
CA TYR A 132 -0.66 17.02 -17.37
C TYR A 132 -0.10 18.41 -17.09
N ASP A 133 -0.89 19.42 -17.37
CA ASP A 133 -0.42 20.79 -17.25
C ASP A 133 -0.15 21.22 -15.78
N ALA A 134 -0.88 20.68 -14.81
N ALA A 134 -0.88 20.69 -14.81
CA ALA A 134 -0.70 21.08 -13.40
CA ALA A 134 -0.68 21.10 -13.40
C ALA A 134 0.55 20.45 -12.79
C ALA A 134 0.62 20.51 -12.85
N LEU A 135 1.10 19.36 -13.38
CA LEU A 135 2.28 18.64 -12.79
C LEU A 135 3.54 18.83 -13.59
N SER A 136 3.43 19.19 -14.85
CA SER A 136 4.62 19.25 -15.69
C SER A 136 5.47 20.51 -15.42
N ALA A 137 4.95 21.44 -14.64
CA ALA A 137 5.56 22.72 -14.35
C ALA A 137 6.18 22.69 -12.92
N GLY A 138 6.45 21.53 -12.36
CA GLY A 138 7.15 21.42 -11.09
C GLY A 138 6.20 21.10 -9.95
N ALA A 139 6.79 21.04 -8.78
CA ALA A 139 6.02 20.67 -7.62
C ALA A 139 4.85 21.60 -7.43
N VAL A 140 3.72 21.02 -7.05
CA VAL A 140 2.48 21.76 -6.79
C VAL A 140 2.60 22.58 -5.49
N ASN A 141 2.28 23.87 -5.55
CA ASN A 141 2.25 24.70 -4.36
C ASN A 141 0.99 24.53 -3.56
N MET A 142 1.08 23.75 -2.49
CA MET A 142 -0.12 23.49 -1.67
C MET A 142 -0.59 24.70 -0.86
N LEU A 143 0.21 25.77 -0.88
CA LEU A 143 -0.16 26.98 -0.09
C LEU A 143 -0.73 28.05 -1.02
N ALA A 144 -1.04 27.73 -2.27
CA ALA A 144 -1.68 28.70 -3.13
C ALA A 144 -2.98 29.22 -2.50
N ALA A 145 -3.28 30.51 -2.63
CA ALA A 145 -4.50 31.07 -2.14
C ALA A 145 -5.69 30.50 -2.85
N THR A 146 -6.72 30.25 -2.09
CA THR A 146 -8.00 29.81 -2.68
C THR A 146 -8.68 30.97 -3.42
N ASP A 147 -9.40 30.63 -4.48
CA ASP A 147 -10.19 31.59 -5.23
C ASP A 147 -11.47 30.95 -5.70
N ASN A 148 -12.22 31.63 -6.57
CA ASN A 148 -13.55 31.01 -6.87
C ASN A 148 -13.52 29.85 -7.84
N THR A 149 -12.55 29.93 -8.76
CA THR A 149 -12.66 29.12 -10.00
C THR A 149 -11.55 28.10 -10.20
N THR A 150 -10.37 28.35 -9.58
CA THR A 150 -9.20 27.49 -9.86
C THR A 150 -8.65 26.76 -8.62
N ILE A 151 -8.30 27.46 -7.55
CA ILE A 151 -7.82 26.81 -6.33
C ILE A 151 -9.01 26.75 -5.36
N LEU A 152 -9.58 25.55 -5.20
CA LEU A 152 -10.77 25.42 -4.41
C LEU A 152 -10.48 25.29 -2.92
N ARG A 153 -9.48 24.47 -2.59
N ARG A 153 -9.48 24.45 -2.60
CA ARG A 153 -9.08 24.23 -1.23
CA ARG A 153 -9.06 24.12 -1.24
C ARG A 153 -7.58 24.13 -1.20
C ARG A 153 -7.56 24.12 -1.21
N SER A 154 -6.96 24.63 -0.13
CA SER A 154 -5.51 24.51 -0.02
C SER A 154 -5.05 24.59 1.43
N LEU A 155 -3.73 24.47 1.63
CA LEU A 155 -3.16 24.63 2.99
C LEU A 155 -2.91 26.11 3.31
N ALA A 156 -3.22 27.02 2.41
CA ALA A 156 -3.14 28.47 2.71
C ALA A 156 -3.98 28.88 3.89
N ALA A 157 -3.68 30.08 4.40
CA ALA A 157 -4.48 30.76 5.35
C ALA A 157 -5.89 30.79 4.76
N ASN A 158 -6.83 30.35 5.55
N ASN A 158 -6.81 30.29 5.54
CA ASN A 158 -8.21 30.38 5.17
CA ASN A 158 -8.19 30.34 5.18
C ASN A 158 -8.44 29.52 3.91
C ASN A 158 -8.38 29.57 3.89
N GLY A 159 -7.64 28.47 3.72
CA GLY A 159 -7.78 27.59 2.55
C GLY A 159 -8.68 26.38 2.74
N GLN A 160 -9.21 26.21 3.94
CA GLN A 160 -10.05 25.04 4.23
C GLN A 160 -11.53 25.33 3.87
N VAL A 161 -11.82 25.33 2.61
CA VAL A 161 -13.08 25.75 2.08
C VAL A 161 -13.99 24.56 1.96
N SER A 162 -15.24 24.66 2.40
CA SER A 162 -16.24 23.65 2.19
C SER A 162 -16.66 23.61 0.74
N LEU A 163 -16.58 22.42 0.14
CA LEU A 163 -16.85 22.26 -1.27
C LEU A 163 -18.32 22.03 -1.52
N THR A 164 -19.10 23.10 -1.44
CA THR A 164 -20.55 23.02 -1.58
C THR A 164 -20.92 22.77 -3.03
N ALA A 165 -22.13 22.30 -3.22
CA ALA A 165 -22.60 22.07 -4.60
C ALA A 165 -22.56 23.38 -5.40
N GLU A 166 -22.91 24.47 -4.78
CA GLU A 166 -22.92 25.76 -5.48
C GLU A 166 -21.51 26.18 -5.82
N LYS A 167 -20.54 25.95 -4.93
CA LYS A 167 -19.13 26.31 -5.25
C LYS A 167 -18.57 25.46 -6.40
N ILE A 168 -18.97 24.19 -6.47
CA ILE A 168 -18.53 23.32 -7.56
C ILE A 168 -19.16 23.83 -8.88
N LEU A 169 -20.36 24.35 -8.84
CA LEU A 169 -20.96 24.89 -10.08
C LEU A 169 -20.14 26.09 -10.58
N LYS A 170 -19.52 26.86 -9.67
CA LYS A 170 -18.69 28.00 -10.05
C LYS A 170 -17.36 27.62 -10.70
N THR A 171 -17.01 26.33 -10.65
N THR A 171 -16.99 26.35 -10.63
CA THR A 171 -15.81 25.80 -11.28
CA THR A 171 -15.77 25.81 -11.23
C THR A 171 -16.16 24.73 -12.31
C THR A 171 -16.13 24.79 -12.33
N CYS A 172 -15.13 24.10 -12.88
CA CYS A 172 -15.30 23.12 -13.99
C CYS A 172 -16.08 23.85 -15.12
N THR A 173 -15.80 25.15 -15.32
CA THR A 173 -16.64 25.91 -16.18
C THR A 173 -16.14 25.84 -17.62
N ALA A 174 -15.05 25.11 -17.83
CA ALA A 174 -14.43 24.98 -19.13
C ALA A 174 -15.00 23.81 -19.96
N THR A 175 -14.69 23.81 -21.27
CA THR A 175 -15.05 22.67 -22.13
C THR A 175 -14.30 21.38 -21.69
N VAL A 176 -13.01 21.55 -21.48
CA VAL A 176 -12.15 20.48 -21.02
C VAL A 176 -11.51 20.89 -19.68
N ASN A 177 -11.68 20.03 -18.68
CA ASN A 177 -11.33 20.32 -17.29
C ASN A 177 -10.40 19.25 -16.74
N SER A 178 -9.78 19.59 -15.64
CA SER A 178 -8.88 18.65 -14.94
C SER A 178 -8.96 18.94 -13.48
N ILE A 179 -8.68 17.96 -12.66
CA ILE A 179 -8.66 18.15 -11.21
C ILE A 179 -7.31 17.77 -10.69
N THR A 180 -6.70 18.62 -9.85
CA THR A 180 -5.46 18.29 -9.16
C THR A 180 -5.79 18.13 -7.68
N LEU A 181 -5.37 17.00 -7.09
CA LEU A 181 -5.59 16.67 -5.69
C LEU A 181 -4.24 16.47 -5.05
N ALA A 182 -4.01 17.11 -3.88
CA ALA A 182 -2.71 16.98 -3.24
C ALA A 182 -2.92 16.75 -1.76
N SER A 183 -1.92 16.09 -1.16
CA SER A 183 -1.93 15.77 0.24
C SER A 183 -0.50 15.70 0.78
N ARG A 184 -0.34 15.99 2.09
CA ARG A 184 0.81 15.51 2.84
C ARG A 184 0.78 13.98 3.03
N MET B 4 -12.54 -24.44 -1.78
CA MET B 4 -11.63 -23.70 -2.76
C MET B 4 -11.33 -22.38 -2.09
N ASP B 5 -12.33 -21.52 -2.13
CA ASP B 5 -12.18 -20.24 -1.43
C ASP B 5 -12.08 -20.47 0.07
N SER B 6 -12.84 -21.39 0.62
CA SER B 6 -12.92 -21.54 2.07
C SER B 6 -11.75 -22.34 2.67
N ARG B 7 -11.40 -23.43 1.99
CA ARG B 7 -10.25 -24.27 2.29
C ARG B 7 -8.90 -23.57 2.17
N THR B 8 -8.69 -22.68 1.20
CA THR B 8 -7.37 -22.08 1.10
C THR B 8 -7.13 -21.17 2.33
N VAL B 9 -8.18 -20.50 2.81
CA VAL B 9 -8.10 -19.63 3.97
C VAL B 9 -7.98 -20.46 5.25
N SER B 10 -8.86 -21.44 5.42
CA SER B 10 -8.95 -22.13 6.70
C SER B 10 -7.66 -22.89 7.02
N GLU B 11 -7.07 -23.52 6.00
CA GLU B 11 -5.88 -24.24 6.18
C GLU B 11 -4.70 -23.37 6.42
N LEU B 12 -4.65 -22.21 5.77
CA LEU B 12 -3.56 -21.29 5.99
C LEU B 12 -3.63 -20.80 7.47
N VAL B 13 -4.82 -20.56 7.99
CA VAL B 13 -5.02 -20.18 9.42
C VAL B 13 -4.41 -21.27 10.34
N THR B 14 -4.83 -22.50 10.16
CA THR B 14 -4.35 -23.57 11.01
C THR B 14 -2.83 -23.68 10.89
N ASN B 15 -2.34 -23.65 9.65
CA ASN B 15 -0.92 -23.76 9.38
C ASN B 15 -0.05 -22.66 10.01
N THR B 16 -0.58 -21.44 10.12
CA THR B 16 0.17 -20.40 10.87
C THR B 16 0.42 -20.82 12.33
N ASN B 17 -0.55 -21.53 12.97
CA ASN B 17 -0.28 -22.00 14.32
C ASN B 17 0.75 -23.15 14.36
N THR B 18 0.65 -24.07 13.41
CA THR B 18 1.58 -25.17 13.32
C THR B 18 3.04 -24.60 13.13
N ILE B 19 3.22 -23.60 12.26
CA ILE B 19 4.56 -22.97 12.00
C ILE B 19 5.00 -22.24 13.28
N ARG B 20 4.12 -21.49 13.94
N ARG B 20 4.12 -21.49 13.94
CA ARG B 20 4.49 -20.76 15.19
CA ARG B 20 4.48 -20.76 15.18
C ARG B 20 5.08 -21.73 16.20
N VAL B 21 4.36 -22.85 16.44
CA VAL B 21 4.85 -23.84 17.39
C VAL B 21 6.16 -24.47 16.99
N ALA B 22 6.27 -24.78 15.69
CA ALA B 22 7.45 -25.49 15.19
C ALA B 22 8.68 -24.56 15.29
N MET B 23 8.50 -23.30 14.89
CA MET B 23 9.57 -22.30 15.02
C MET B 23 10.01 -22.12 16.46
N LYS B 24 9.08 -21.97 17.40
CA LYS B 24 9.44 -21.72 18.76
C LYS B 24 10.14 -22.94 19.36
N ASP B 25 9.70 -24.15 18.96
CA ASP B 25 10.33 -25.36 19.43
C ASP B 25 11.73 -25.57 18.84
N ALA B 26 11.91 -25.40 17.51
CA ALA B 26 13.19 -25.68 16.86
C ALA B 26 14.26 -24.78 17.38
N TYR B 27 13.91 -23.51 17.69
CA TYR B 27 14.91 -22.51 18.03
C TYR B 27 14.93 -22.14 19.52
N GLN B 28 14.20 -22.86 20.35
CA GLN B 28 14.17 -22.61 21.79
C GLN B 28 15.60 -22.64 22.42
N ARG B 29 16.39 -23.60 22.03
CA ARG B 29 17.67 -23.79 22.74
C ARG B 29 18.55 -22.59 22.41
N ASP B 30 18.59 -22.15 21.14
CA ASP B 30 19.41 -21.00 20.65
C ASP B 30 18.88 -19.70 21.30
N GLY B 31 17.56 -19.58 21.50
CA GLY B 31 17.00 -18.28 21.96
C GLY B 31 16.99 -17.22 20.89
N LYS B 32 17.19 -17.61 19.64
CA LYS B 32 17.34 -16.68 18.50
C LYS B 32 17.04 -17.45 17.24
N TYR B 33 16.59 -16.70 16.26
CA TYR B 33 16.00 -17.32 15.06
C TYR B 33 16.80 -17.08 13.79
N PRO B 34 16.61 -17.92 12.73
CA PRO B 34 17.40 -17.74 11.51
C PRO B 34 17.12 -16.47 10.73
N ASP B 35 18.10 -15.97 10.02
CA ASP B 35 17.84 -14.94 9.05
C ASP B 35 16.93 -15.43 7.92
N TYR B 36 16.21 -14.50 7.32
CA TYR B 36 15.46 -14.76 6.10
C TYR B 36 16.35 -15.31 4.98
N GLN B 37 15.94 -16.46 4.42
CA GLN B 37 16.44 -16.90 3.12
C GLN B 37 15.18 -17.15 2.29
N ALA B 38 15.09 -16.57 1.12
CA ALA B 38 13.88 -16.56 0.38
C ALA B 38 13.49 -18.04 0.08
N PRO B 39 12.20 -18.36 0.16
CA PRO B 39 11.70 -19.68 -0.19
C PRO B 39 11.18 -19.77 -1.63
N LEU B 40 11.46 -18.73 -2.41
CA LEU B 40 10.83 -18.54 -3.70
C LEU B 40 11.45 -19.49 -4.74
N SER B 41 12.63 -20.07 -4.49
CA SER B 41 13.23 -21.08 -5.44
C SER B 41 12.74 -22.49 -5.10
N LEU B 42 11.99 -22.69 -4.00
CA LEU B 42 11.63 -24.06 -3.60
C LEU B 42 10.56 -24.71 -4.41
N THR B 43 10.63 -26.04 -4.49
CA THR B 43 9.61 -26.86 -5.12
C THR B 43 9.20 -27.92 -4.13
N ALA B 44 8.22 -28.72 -4.51
CA ALA B 44 7.79 -29.80 -3.70
C ALA B 44 8.92 -30.83 -3.47
N ASP B 45 9.87 -30.93 -4.39
CA ASP B 45 11.08 -31.75 -4.18
C ASP B 45 12.11 -31.02 -3.28
N SER B 46 12.43 -29.77 -3.62
CA SER B 46 13.65 -29.14 -3.06
C SER B 46 13.38 -28.63 -1.64
N ILE B 47 12.12 -28.51 -1.19
CA ILE B 47 11.85 -28.22 0.23
C ILE B 47 12.45 -29.29 1.16
N LYS B 48 12.53 -30.50 0.65
CA LYS B 48 13.08 -31.61 1.44
C LYS B 48 14.58 -31.63 1.50
N THR B 49 15.24 -30.89 0.63
CA THR B 49 16.68 -31.02 0.47
C THR B 49 17.47 -29.74 0.52
N ASP B 50 16.83 -28.58 0.36
CA ASP B 50 17.60 -27.35 0.22
C ASP B 50 18.31 -27.02 1.49
N SER B 51 19.56 -26.63 1.41
CA SER B 51 20.35 -26.45 2.64
C SER B 51 20.84 -25.00 2.75
N THR B 52 20.18 -24.06 2.09
CA THR B 52 20.66 -22.67 2.11
C THR B 52 20.16 -21.95 3.34
N GLY B 53 19.37 -22.58 4.22
CA GLY B 53 18.89 -21.93 5.43
C GLY B 53 17.50 -21.33 5.36
N ILE B 54 16.66 -21.90 4.52
CA ILE B 54 15.28 -21.40 4.39
C ILE B 54 14.45 -22.05 5.51
N ALA B 55 13.84 -21.21 6.35
CA ALA B 55 13.27 -21.74 7.62
C ALA B 55 12.23 -22.84 7.35
N VAL B 56 11.31 -22.71 6.36
CA VAL B 56 10.36 -23.84 6.15
C VAL B 56 11.06 -25.08 5.71
N ALA B 57 12.08 -25.01 4.87
CA ALA B 57 12.85 -26.16 4.50
C ALA B 57 13.51 -26.80 5.71
N GLN B 58 14.05 -26.01 6.63
CA GLN B 58 14.68 -26.56 7.84
C GLN B 58 13.63 -27.31 8.63
N LEU B 59 12.42 -26.71 8.79
CA LEU B 59 11.37 -27.35 9.54
C LEU B 59 10.86 -28.66 8.94
N VAL B 60 10.73 -28.71 7.61
CA VAL B 60 10.38 -29.92 6.92
C VAL B 60 11.48 -30.99 7.11
N GLN B 61 12.75 -30.60 6.99
CA GLN B 61 13.84 -31.52 7.21
C GLN B 61 14.03 -32.03 8.61
N LEU B 62 13.59 -31.24 9.57
CA LEU B 62 13.58 -31.65 10.95
C LEU B 62 12.41 -32.57 11.27
N GLY B 63 11.44 -32.70 10.39
CA GLY B 63 10.25 -33.54 10.66
C GLY B 63 9.20 -32.82 11.52
N LYS B 64 9.22 -31.47 11.47
CA LYS B 64 8.34 -30.66 12.28
C LYS B 64 7.21 -30.01 11.46
N LEU B 65 7.29 -30.06 10.15
CA LEU B 65 6.32 -29.41 9.29
C LEU B 65 6.27 -30.29 8.05
N THR B 66 5.09 -30.35 7.44
CA THR B 66 5.01 -31.03 6.12
C THR B 66 5.15 -30.01 4.96
N PRO B 67 5.47 -30.50 3.74
CA PRO B 67 5.49 -29.53 2.64
C PRO B 67 4.17 -28.84 2.43
N ASP B 68 3.04 -29.54 2.66
CA ASP B 68 1.72 -28.91 2.57
C ASP B 68 1.59 -27.79 3.58
N GLU B 69 2.00 -28.02 4.82
CA GLU B 69 1.84 -26.99 5.82
C GLU B 69 2.80 -25.79 5.57
N ALA B 70 3.88 -26.03 4.83
CA ALA B 70 4.78 -24.97 4.48
C ALA B 70 4.33 -24.04 3.34
N ARG B 71 3.33 -24.42 2.58
CA ARG B 71 2.89 -23.70 1.43
C ARG B 71 1.66 -22.84 1.74
N ASN B 72 1.69 -21.61 1.26
CA ASN B 72 0.54 -20.69 1.28
C ASN B 72 -0.35 -21.09 0.10
N GLY B 73 -1.48 -21.72 0.43
CA GLY B 73 -2.37 -22.24 -0.59
C GLY B 73 -3.11 -21.16 -1.39
N ILE B 74 -3.07 -19.92 -0.93
CA ILE B 74 -3.69 -18.81 -1.67
C ILE B 74 -2.73 -18.30 -2.76
N SER B 75 -1.52 -17.96 -2.39
CA SER B 75 -0.48 -17.42 -3.30
C SER B 75 0.27 -18.49 -4.03
N GLY B 76 0.26 -19.72 -3.52
CA GLY B 76 1.05 -20.78 -4.11
C GLY B 76 2.54 -20.80 -3.76
N ASP B 77 3.00 -19.85 -2.96
CA ASP B 77 4.42 -19.78 -2.58
C ASP B 77 4.64 -20.56 -1.30
N TYR B 78 5.80 -21.15 -1.11
CA TYR B 78 6.19 -21.60 0.23
C TYR B 78 6.27 -20.34 1.14
N ILE B 79 5.86 -20.48 2.39
CA ILE B 79 5.72 -19.35 3.29
C ILE B 79 7.09 -18.76 3.66
N GLY B 80 7.18 -17.45 3.57
CA GLY B 80 8.39 -16.72 3.95
C GLY B 80 8.49 -16.53 5.47
N ILE B 81 9.68 -16.82 6.01
CA ILE B 81 9.95 -16.73 7.43
C ILE B 81 11.36 -16.12 7.59
N GLY B 82 11.47 -15.07 8.37
CA GLY B 82 12.73 -14.42 8.60
C GLY B 82 12.92 -14.01 10.03
N GLY B 83 13.93 -13.20 10.28
CA GLY B 83 14.21 -12.74 11.61
C GLY B 83 13.42 -11.50 11.96
N ALA B 84 13.32 -11.23 13.25
CA ALA B 84 12.74 -10.03 13.80
C ALA B 84 13.63 -9.54 14.92
N ILE B 85 13.75 -8.22 15.03
CA ILE B 85 14.61 -7.61 16.06
C ILE B 85 13.75 -6.91 17.09
N THR B 86 14.23 -6.91 18.34
CA THR B 86 13.54 -6.38 19.44
C THR B 86 14.21 -5.21 20.14
N SER B 87 15.29 -4.74 19.50
CA SER B 87 16.12 -3.58 19.95
C SER B 87 16.47 -2.81 18.67
N SER B 88 16.86 -1.58 18.82
CA SER B 88 16.80 -0.65 17.71
C SER B 88 18.04 0.04 17.88
N GLY B 89 19.13 -0.56 17.41
CA GLY B 89 18.96 -1.74 16.65
C GLY B 89 19.94 -2.79 17.02
N SER B 90 19.58 -4.04 16.69
CA SER B 90 20.43 -5.19 17.05
C SER B 90 20.81 -6.04 15.95
N THR B 91 21.70 -6.93 16.29
CA THR B 91 22.35 -7.85 15.34
C THR B 91 21.92 -9.37 15.41
N ILE B 92 21.02 -9.62 16.36
CA ILE B 92 20.52 -10.93 16.71
C ILE B 92 19.02 -10.93 16.40
N ASN B 93 18.53 -12.05 15.84
CA ASN B 93 17.07 -12.18 15.64
C ASN B 93 16.47 -12.78 16.90
N LYS B 94 16.07 -11.92 17.85
CA LYS B 94 15.38 -12.37 19.07
C LYS B 94 13.96 -12.85 18.76
N GLY B 95 13.37 -12.42 17.64
CA GLY B 95 12.12 -12.93 17.20
C GLY B 95 12.20 -13.48 15.79
N PHE B 96 11.07 -14.04 15.35
CA PHE B 96 10.93 -14.47 13.96
C PHE B 96 9.65 -13.82 13.41
N ALA B 97 9.60 -13.75 12.09
CA ALA B 97 8.46 -13.12 11.40
C ALA B 97 8.09 -14.02 10.23
N MET B 98 6.78 -14.21 10.01
N MET B 98 6.78 -14.23 10.02
CA MET B 98 6.29 -14.94 8.87
CA MET B 98 6.30 -14.93 8.85
C MET B 98 5.43 -14.00 8.03
C MET B 98 5.43 -14.00 8.03
N GLU B 99 5.45 -14.15 6.70
CA GLU B 99 4.68 -13.27 5.84
C GLU B 99 3.75 -14.12 5.01
N LEU B 100 2.46 -13.73 4.99
CA LEU B 100 1.41 -14.35 4.19
C LEU B 100 1.07 -13.40 3.03
N ASN B 101 1.54 -13.73 1.84
CA ASN B 101 1.45 -12.80 0.71
C ASN B 101 0.24 -13.12 -0.22
N GLY B 102 -0.04 -12.21 -1.17
CA GLY B 102 -1.05 -12.49 -2.22
C GLY B 102 -2.46 -12.64 -1.77
N LEU B 103 -2.93 -11.83 -0.77
CA LEU B 103 -4.27 -11.99 -0.17
C LEU B 103 -5.27 -10.98 -0.70
N SER B 104 -6.48 -11.39 -1.01
CA SER B 104 -7.53 -10.37 -1.27
C SER B 104 -7.90 -9.65 -0.01
N GLN B 105 -8.63 -8.57 -0.15
N GLN B 105 -8.62 -8.56 -0.14
CA GLN B 105 -9.14 -7.89 1.03
CA GLN B 105 -9.09 -7.88 1.06
C GLN B 105 -9.93 -8.80 1.94
C GLN B 105 -9.85 -8.82 1.95
N GLU B 106 -10.86 -9.62 1.41
N GLU B 106 -10.77 -9.58 1.37
CA GLU B 106 -11.65 -10.45 2.32
CA GLU B 106 -11.63 -10.46 2.14
C GLU B 106 -10.80 -11.51 2.97
C GLU B 106 -10.82 -11.49 2.90
N GLN B 107 -9.86 -12.10 2.23
CA GLN B 107 -8.96 -13.07 2.88
C GLN B 107 -8.12 -12.46 3.99
N CYS B 108 -7.58 -11.29 3.69
N CYS B 108 -7.60 -11.28 3.71
CA CYS B 108 -6.70 -10.58 4.64
CA CYS B 108 -6.82 -10.52 4.71
C CYS B 108 -7.47 -10.32 5.94
C CYS B 108 -7.67 -10.30 5.96
N ARG B 109 -8.70 -9.85 5.78
N ARG B 109 -8.88 -9.80 5.83
CA ARG B 109 -9.55 -9.54 6.94
CA ARG B 109 -9.62 -9.49 7.03
C ARG B 109 -9.92 -10.77 7.74
C ARG B 109 -10.00 -10.76 7.77
N SER B 110 -10.28 -11.84 7.05
CA SER B 110 -10.63 -13.12 7.66
C SER B 110 -9.43 -13.65 8.41
N ILE B 111 -8.27 -13.65 7.80
CA ILE B 111 -7.09 -14.22 8.51
C ILE B 111 -6.79 -13.38 9.75
N LEU B 112 -6.79 -12.04 9.62
CA LEU B 112 -6.52 -11.16 10.78
C LEU B 112 -7.48 -11.42 11.92
N GLY B 113 -8.74 -11.66 11.60
CA GLY B 113 -9.72 -11.93 12.65
C GLY B 113 -9.54 -13.30 13.31
N GLN B 114 -8.89 -14.24 12.69
CA GLN B 114 -8.71 -15.55 13.25
C GLN B 114 -7.36 -15.72 13.91
N VAL B 115 -6.33 -14.99 13.51
CA VAL B 115 -5.04 -15.22 14.15
C VAL B 115 -4.41 -13.98 14.81
N GLY B 116 -4.93 -12.77 14.58
CA GLY B 116 -4.17 -11.57 14.87
C GLY B 116 -3.84 -11.46 16.36
N ASP B 117 -4.80 -11.84 17.22
CA ASP B 117 -4.60 -11.75 18.61
C ASP B 117 -3.59 -12.75 19.18
N ASN B 118 -3.19 -13.76 18.40
CA ASN B 118 -2.19 -14.76 18.82
C ASN B 118 -0.76 -14.17 18.81
N TRP B 119 -0.57 -12.99 18.20
CA TRP B 119 0.80 -12.55 17.82
C TRP B 119 1.07 -11.20 18.46
N GLU B 120 2.29 -11.03 18.97
CA GLU B 120 2.61 -9.74 19.59
C GLU B 120 2.96 -8.65 18.57
N TYR B 121 3.27 -9.06 17.33
CA TYR B 121 3.47 -8.12 16.25
C TYR B 121 2.59 -8.54 15.07
N VAL B 122 1.83 -7.62 14.50
CA VAL B 122 0.95 -7.88 13.34
C VAL B 122 1.02 -6.62 12.45
N ALA B 123 1.39 -6.81 11.17
CA ALA B 123 1.45 -5.74 10.19
C ALA B 123 0.74 -6.18 8.93
N VAL B 124 0.23 -5.23 8.19
CA VAL B 124 -0.37 -5.48 6.89
C VAL B 124 0.40 -4.70 5.84
N GLY B 125 0.80 -5.36 4.79
CA GLY B 125 1.50 -4.74 3.69
C GLY B 125 0.78 -5.06 2.35
N THR B 126 1.53 -5.03 1.28
CA THR B 126 0.96 -5.29 -0.06
C THR B 126 1.88 -6.18 -0.86
N SER B 127 2.54 -7.12 -0.20
CA SER B 127 3.44 -8.02 -0.90
C SER B 127 2.68 -8.88 -1.88
N PRO B 128 2.98 -8.80 -3.18
CA PRO B 128 2.26 -9.62 -4.13
C PRO B 128 2.57 -11.10 -4.02
N SER B 129 1.72 -11.92 -4.62
CA SER B 129 2.08 -13.28 -4.89
C SER B 129 3.44 -13.32 -5.58
N GLY B 130 4.37 -14.20 -5.16
CA GLY B 130 5.71 -14.30 -5.71
C GLY B 130 6.71 -13.39 -5.00
N SER B 131 6.30 -12.63 -3.98
CA SER B 131 7.23 -11.68 -3.30
C SER B 131 7.04 -11.70 -1.79
N TYR B 132 8.11 -11.41 -1.05
CA TYR B 132 8.10 -11.20 0.41
C TYR B 132 8.71 -9.89 0.80
N ASP B 133 8.02 -8.80 0.51
CA ASP B 133 8.61 -7.49 0.68
C ASP B 133 8.80 -7.11 2.16
N ALA B 134 8.08 -7.69 3.08
CA ALA B 134 8.25 -7.35 4.50
C ALA B 134 9.47 -8.01 5.09
N LEU B 135 9.96 -9.13 4.48
CA LEU B 135 11.01 -9.97 5.02
C LEU B 135 12.33 -9.75 4.31
N SER B 136 12.30 -9.25 3.10
CA SER B 136 13.50 -9.26 2.27
C SER B 136 14.43 -8.07 2.52
N ALA B 137 13.99 -7.10 3.32
CA ALA B 137 14.72 -5.90 3.61
C ALA B 137 15.33 -5.92 5.02
N GLY B 138 15.59 -7.10 5.54
CA GLY B 138 16.22 -7.29 6.83
C GLY B 138 15.22 -7.67 7.89
N ALA B 139 15.74 -7.83 9.09
CA ALA B 139 14.92 -8.30 10.16
C ALA B 139 13.74 -7.34 10.41
N VAL B 140 12.56 -7.90 10.71
CA VAL B 140 11.39 -7.10 10.98
C VAL B 140 11.55 -6.32 12.28
N ASN B 141 11.31 -5.01 12.26
CA ASN B 141 11.45 -4.18 13.46
C ASN B 141 10.21 -4.27 14.33
N MET B 142 10.28 -5.06 15.40
CA MET B 142 9.15 -5.26 16.26
C MET B 142 8.80 -4.03 17.13
N LEU B 143 9.62 -3.00 17.11
CA LEU B 143 9.39 -1.78 17.91
C LEU B 143 8.74 -0.69 17.06
N ALA B 144 8.33 -1.02 15.84
CA ALA B 144 7.65 -0.07 14.97
C ALA B 144 6.37 0.43 15.65
N ALA B 145 6.15 1.74 15.55
CA ALA B 145 4.96 2.32 16.14
C ALA B 145 3.66 1.85 15.44
N THR B 146 2.58 1.60 16.18
CA THR B 146 1.32 1.21 15.57
C THR B 146 0.65 2.39 14.91
N ASP B 147 -0.10 2.10 13.85
CA ASP B 147 -0.87 3.11 13.16
C ASP B 147 -2.19 2.50 12.75
N ASN B 148 -2.98 3.22 11.91
CA ASN B 148 -4.30 2.72 11.56
C ASN B 148 -4.29 1.64 10.50
N THR B 149 -3.31 1.68 9.61
CA THR B 149 -3.39 0.89 8.37
C THR B 149 -2.30 -0.11 8.13
N THR B 150 -1.13 0.05 8.75
CA THR B 150 0.03 -0.77 8.40
C THR B 150 0.53 -1.57 9.60
N ILE B 151 0.80 -0.93 10.74
CA ILE B 151 1.36 -1.65 11.89
C ILE B 151 0.20 -1.73 12.87
N LEU B 152 -0.38 -2.92 13.00
CA LEU B 152 -1.57 -3.06 13.82
C LEU B 152 -1.24 -3.29 15.29
N ARG B 153 -0.25 -4.17 15.54
CA ARG B 153 0.19 -4.53 16.89
C ARG B 153 1.67 -4.66 16.90
N SER B 154 2.35 -4.22 17.98
CA SER B 154 3.79 -4.31 18.06
C SER B 154 4.26 -4.18 19.48
N LEU B 155 5.56 -4.23 19.69
CA LEU B 155 6.14 -3.99 21.04
C LEU B 155 6.37 -2.48 21.32
N ALA B 156 5.87 -1.61 20.48
CA ALA B 156 5.96 -0.17 20.69
C ALA B 156 5.12 0.23 21.91
N ALA B 157 5.21 1.49 22.35
CA ALA B 157 4.39 2.07 23.40
C ALA B 157 2.96 1.82 23.03
N ASN B 158 2.25 1.27 23.99
CA ASN B 158 0.81 1.02 23.77
C ASN B 158 0.54 0.16 22.51
N GLY B 159 1.48 -0.71 22.14
CA GLY B 159 1.45 -1.46 20.94
C GLY B 159 0.52 -2.68 20.99
N GLN B 160 0.07 -3.11 22.19
CA GLN B 160 -0.83 -4.31 22.24
C GLN B 160 -2.30 -3.94 21.99
N VAL B 161 -2.54 -3.52 20.75
CA VAL B 161 -3.83 -2.99 20.31
C VAL B 161 -4.83 -4.15 20.13
N SER B 162 -6.05 -3.98 20.62
CA SER B 162 -7.12 -4.93 20.40
C SER B 162 -7.58 -4.86 18.97
N LEU B 163 -7.45 -5.99 18.28
CA LEU B 163 -7.78 -6.03 16.88
C LEU B 163 -9.25 -6.25 16.63
N THR B 164 -10.06 -5.23 16.88
CA THR B 164 -11.47 -5.33 16.71
C THR B 164 -11.85 -5.47 15.24
N ALA B 165 -13.03 -6.03 14.95
CA ALA B 165 -13.52 -6.08 13.56
C ALA B 165 -13.50 -4.68 12.89
N GLU B 166 -13.84 -3.62 13.65
CA GLU B 166 -13.84 -2.25 13.08
C GLU B 166 -12.41 -1.83 12.72
N LYS B 167 -11.44 -2.12 13.58
CA LYS B 167 -10.02 -1.75 13.29
C LYS B 167 -9.50 -2.44 12.05
N ILE B 168 -9.89 -3.69 11.92
CA ILE B 168 -9.44 -4.47 10.79
C ILE B 168 -10.03 -3.94 9.47
N LEU B 169 -11.22 -3.36 9.50
CA LEU B 169 -11.79 -2.64 8.31
C LEU B 169 -11.01 -1.44 7.82
N LYS B 170 -10.10 -0.93 8.63
CA LYS B 170 -9.31 0.19 8.27
C LYS B 170 -8.05 -0.23 7.54
N THR B 171 -7.77 -1.51 7.58
CA THR B 171 -6.54 -2.02 7.01
C THR B 171 -6.98 -3.00 5.87
N CYS B 172 -5.98 -3.61 5.27
N CYS B 172 -6.01 -3.62 5.21
CA CYS B 172 -6.16 -4.52 4.12
CA CYS B 172 -6.28 -4.58 4.09
C CYS B 172 -7.08 -3.84 3.09
C CYS B 172 -6.94 -3.92 2.88
N THR B 173 -6.73 -2.61 2.70
CA THR B 173 -7.52 -1.88 1.76
C THR B 173 -6.97 -1.86 0.31
N ALA B 174 -5.74 -2.31 0.06
CA ALA B 174 -5.21 -2.53 -1.32
C ALA B 174 -5.96 -3.70 -1.97
N THR B 175 -5.83 -3.83 -3.26
CA THR B 175 -6.46 -4.96 -3.93
C THR B 175 -5.74 -6.29 -3.61
N VAL B 176 -4.43 -6.29 -3.47
CA VAL B 176 -3.73 -7.47 -2.99
C VAL B 176 -2.90 -7.01 -1.78
N ASN B 177 -3.03 -7.80 -0.73
CA ASN B 177 -2.53 -7.49 0.59
C ASN B 177 -1.60 -8.60 1.09
N SER B 178 -0.91 -8.31 2.18
CA SER B 178 -0.09 -9.29 2.86
C SER B 178 -0.15 -9.06 4.36
N ILE B 179 0.07 -10.14 5.16
CA ILE B 179 0.09 -10.00 6.58
C ILE B 179 1.44 -10.47 7.07
N THR B 180 2.07 -9.72 7.99
CA THR B 180 3.31 -10.17 8.64
C THR B 180 3.01 -10.36 10.09
N LEU B 181 3.40 -11.52 10.59
CA LEU B 181 3.19 -11.93 12.00
C LEU B 181 4.57 -12.16 12.61
N ALA B 182 4.85 -11.61 13.80
CA ALA B 182 6.11 -11.81 14.41
C ALA B 182 5.98 -12.02 15.89
N SER B 183 6.93 -12.79 16.43
CA SER B 183 6.95 -13.09 17.85
C SER B 183 8.36 -13.41 18.29
N ARG B 184 8.64 -13.21 19.58
CA ARG B 184 9.77 -13.89 20.25
C ARG B 184 9.44 -15.35 20.51
C1 GOL C . 11.89 1.67 9.61
C1 GOL C . 11.33 -0.55 10.44
O1 GOL C . 11.34 2.18 10.80
O1 GOL C . 10.61 0.08 11.48
C2 GOL C . 12.42 0.27 9.92
C2 GOL C . 12.30 0.44 9.96
O2 GOL C . 13.26 -0.12 8.86
O2 GOL C . 11.66 1.24 9.02
C3 GOL C . 11.19 -0.55 9.95
C3 GOL C . 13.59 -0.22 9.59
O3 GOL C . 10.31 0.13 10.84
O3 GOL C . 13.97 -0.81 10.80
C1 GOL D . 20.09 -28.09 28.78
O1 GOL D . 18.68 -28.41 28.75
C2 GOL D . 20.98 -28.43 27.58
O2 GOL D . 22.01 -29.22 28.05
C3 GOL D . 20.42 -29.44 26.66
O3 GOL D . 20.73 -30.71 27.22
NA NA E . 6.52 -24.72 20.55
#